data_5E8K
#
_entry.id   5E8K
#
_cell.length_a   150.460
_cell.length_b   150.460
_cell.length_c   74.768
_cell.angle_alpha   90.00
_cell.angle_beta   90.00
_cell.angle_gamma   90.00
#
_symmetry.space_group_name_H-M   'I 4'
#
_entity_poly.entity_id   1
_entity_poly.type   'polypeptide(L)'
_entity_poly.pdbx_seq_one_letter_code
;MTSAASYDFKFMSYMVNKAKSVNKALEEAVPLREPELKIREAMRYTLLSDGKRVRPMLCLAACELVGGQESTAMSAACAI
EMLHASSLILDDLPCMDNDSLRRGKPTNHIVFGESIAILASQALIALAVQKTTSSTFADVPPERILKTVQEMVKAVEGLV
AGQQADLAGEGMRFDSDTGLEHLEFIHIHKTAALLEAAAVMGAIMGGGSDEEIERLRSYARCIGLMFQVVDDVLDVTKSS
EELGKTAGKDLIAGKLTYPRLMGVEKSKEYAERLNIEAREHLLGFDIDKVAPLVSLADYIVNRQNLEHHHHHH
;
_entity_poly.pdbx_strand_id   A,B
#
# COMPACT_ATOMS: atom_id res chain seq x y z
N TYR A 7 36.22 -11.17 -11.86
CA TYR A 7 34.89 -11.57 -12.28
C TYR A 7 34.64 -13.00 -11.84
N ASP A 8 33.60 -13.21 -11.06
CA ASP A 8 33.31 -14.53 -10.55
C ASP A 8 32.13 -15.21 -11.17
N PHE A 9 32.32 -16.44 -11.60
CA PHE A 9 31.26 -17.21 -12.21
C PHE A 9 30.90 -18.11 -11.07
N LYS A 10 29.88 -18.94 -11.26
CA LYS A 10 29.19 -19.62 -10.19
C LYS A 10 28.32 -18.63 -9.45
N PHE A 11 28.91 -17.53 -9.03
CA PHE A 11 28.06 -16.60 -8.35
C PHE A 11 27.06 -16.08 -9.34
N MET A 12 27.57 -15.45 -10.39
CA MET A 12 26.74 -14.91 -11.44
C MET A 12 25.79 -15.99 -11.88
N SER A 13 26.29 -17.20 -11.96
CA SER A 13 25.45 -18.31 -12.34
C SER A 13 24.37 -18.39 -11.29
N TYR A 14 24.74 -18.11 -10.05
CA TYR A 14 23.80 -18.19 -8.96
C TYR A 14 22.84 -17.07 -9.13
N MET A 15 23.38 -15.87 -9.09
CA MET A 15 22.58 -14.70 -9.20
C MET A 15 21.62 -14.73 -10.35
N VAL A 16 22.00 -15.34 -11.45
CA VAL A 16 21.14 -15.39 -12.61
C VAL A 16 20.06 -16.44 -12.47
N ASN A 17 20.39 -17.67 -12.18
CA ASN A 17 19.31 -18.60 -12.11
C ASN A 17 18.32 -18.11 -11.11
N LYS A 18 18.78 -17.49 -10.04
CA LYS A 18 17.86 -16.96 -9.06
C LYS A 18 17.00 -15.90 -9.66
N ALA A 19 17.59 -15.01 -10.44
CA ALA A 19 16.84 -13.94 -11.02
C ALA A 19 15.76 -14.47 -11.90
N LYS A 20 16.05 -15.49 -12.67
CA LYS A 20 15.06 -16.05 -13.55
C LYS A 20 13.88 -16.60 -12.75
N SER A 21 14.16 -17.19 -11.61
CA SER A 21 13.08 -17.71 -10.79
C SER A 21 12.17 -16.60 -10.34
N VAL A 22 12.76 -15.50 -9.92
CA VAL A 22 11.95 -14.39 -9.48
C VAL A 22 11.15 -13.80 -10.58
N ASN A 23 11.78 -13.59 -11.72
CA ASN A 23 11.09 -12.98 -12.83
C ASN A 23 9.94 -13.82 -13.23
N LYS A 24 10.14 -15.11 -13.29
CA LYS A 24 9.02 -15.91 -13.68
C LYS A 24 7.92 -15.72 -12.65
N ALA A 25 8.30 -15.54 -11.38
CA ALA A 25 7.32 -15.42 -10.30
C ALA A 25 6.56 -14.11 -10.41
N LEU A 26 7.29 -13.06 -10.81
CA LEU A 26 6.73 -11.74 -10.98
C LEU A 26 5.73 -11.70 -12.14
N GLU A 27 6.21 -12.08 -13.33
CA GLU A 27 5.38 -12.08 -14.52
C GLU A 27 4.01 -12.69 -14.25
N GLU A 28 3.97 -13.85 -13.58
CA GLU A 28 2.70 -14.46 -13.29
C GLU A 28 1.90 -13.78 -12.19
N ALA A 29 2.58 -12.99 -11.38
CA ALA A 29 1.90 -12.28 -10.30
C ALA A 29 1.11 -11.13 -10.86
N VAL A 30 1.57 -10.62 -12.01
CA VAL A 30 0.93 -9.52 -12.72
C VAL A 30 0.79 -9.89 -14.21
N PRO A 31 -0.33 -10.54 -14.56
CA PRO A 31 -0.57 -10.90 -15.96
C PRO A 31 -1.16 -9.75 -16.76
N LEU A 32 -1.19 -9.86 -18.09
CA LEU A 32 -1.66 -8.79 -18.96
C LEU A 32 -3.17 -8.80 -19.22
N ARG A 33 -3.91 -9.48 -18.38
CA ARG A 33 -5.36 -9.56 -18.51
C ARG A 33 -6.05 -8.22 -18.31
N GLU A 34 -7.20 -8.04 -18.96
CA GLU A 34 -7.99 -6.83 -18.80
C GLU A 34 -8.68 -7.03 -17.46
N PRO A 35 -9.15 -5.97 -16.80
CA PRO A 35 -9.09 -4.55 -17.20
C PRO A 35 -8.00 -3.72 -16.52
N GLU A 36 -7.91 -2.44 -16.88
CA GLU A 36 -6.90 -1.52 -16.34
C GLU A 36 -5.75 -1.91 -17.17
N LEU A 37 -6.14 -2.48 -18.29
CA LEU A 37 -5.21 -3.07 -19.21
C LEU A 37 -3.93 -2.24 -19.27
N LYS A 38 -4.08 -0.92 -19.47
CA LYS A 38 -2.91 -0.03 -19.53
C LYS A 38 -2.45 0.39 -18.14
N ILE A 39 -3.03 -0.19 -17.11
CA ILE A 39 -2.49 -0.01 -15.77
C ILE A 39 -1.73 -1.25 -15.34
N ARG A 40 -2.22 -2.44 -15.70
CA ARG A 40 -1.40 -3.65 -15.58
C ARG A 40 -0.24 -3.49 -16.54
N GLU A 41 -0.50 -2.86 -17.67
CA GLU A 41 0.56 -2.60 -18.62
C GLU A 41 1.62 -1.66 -18.03
N ALA A 42 1.18 -0.72 -17.19
CA ALA A 42 2.11 0.29 -16.68
C ALA A 42 2.97 -0.28 -15.55
N MET A 43 2.41 -1.24 -14.81
CA MET A 43 3.12 -1.83 -13.69
C MET A 43 4.17 -2.78 -14.22
N ARG A 44 3.72 -3.58 -15.19
CA ARG A 44 4.57 -4.57 -15.86
C ARG A 44 5.77 -3.90 -16.49
N TYR A 45 5.59 -2.68 -16.98
CA TYR A 45 6.63 -1.96 -17.71
C TYR A 45 7.82 -1.75 -16.85
N THR A 46 7.56 -1.30 -15.64
CA THR A 46 8.62 -1.05 -14.67
C THR A 46 9.05 -2.33 -13.98
N LEU A 47 8.07 -3.03 -13.38
CA LEU A 47 8.34 -4.28 -12.69
C LEU A 47 9.11 -5.30 -13.51
N LEU A 48 8.62 -5.60 -14.71
CA LEU A 48 9.20 -6.69 -15.47
C LEU A 48 10.47 -6.26 -16.17
N SER A 49 10.74 -4.97 -16.16
CA SER A 49 11.97 -4.46 -16.73
C SER A 49 13.10 -5.14 -16.00
N ASP A 50 14.10 -5.56 -16.75
CA ASP A 50 15.26 -6.26 -16.24
C ASP A 50 16.03 -5.67 -15.08
N GLY A 51 16.27 -6.49 -14.06
CA GLY A 51 17.04 -6.12 -12.90
C GLY A 51 18.11 -7.19 -12.97
N LYS A 52 19.11 -7.26 -12.09
CA LYS A 52 19.32 -6.38 -10.96
C LYS A 52 18.40 -6.83 -9.84
N ARG A 53 18.04 -8.09 -9.84
CA ARG A 53 17.13 -8.58 -8.83
C ARG A 53 17.81 -8.93 -7.53
N VAL A 54 18.66 -8.04 -7.05
CA VAL A 54 19.32 -8.34 -5.78
C VAL A 54 18.32 -8.56 -4.64
N ARG A 55 17.58 -7.51 -4.28
CA ARG A 55 16.63 -7.57 -3.18
C ARG A 55 15.82 -8.88 -3.16
N PRO A 56 15.17 -9.25 -4.28
CA PRO A 56 14.55 -10.58 -4.22
C PRO A 56 15.56 -11.70 -3.94
N MET A 57 16.76 -11.67 -4.56
CA MET A 57 17.75 -12.70 -4.30
C MET A 57 18.05 -12.75 -2.83
N LEU A 58 18.38 -11.57 -2.29
CA LEU A 58 18.77 -11.44 -0.92
C LEU A 58 17.68 -11.99 -0.01
N CYS A 59 16.45 -11.61 -0.29
CA CYS A 59 15.35 -12.18 0.45
C CYS A 59 15.44 -13.69 0.43
N LEU A 60 15.52 -14.26 -0.75
CA LEU A 60 15.52 -15.71 -0.91
C LEU A 60 16.73 -16.36 -0.23
N ALA A 61 17.91 -15.80 -0.47
CA ALA A 61 19.15 -16.23 0.17
C ALA A 61 19.02 -16.30 1.67
N ALA A 62 18.47 -15.24 2.25
CA ALA A 62 18.35 -15.11 3.70
C ALA A 62 17.38 -16.15 4.23
N CYS A 63 16.46 -16.58 3.39
CA CYS A 63 15.58 -17.68 3.80
C CYS A 63 16.39 -18.96 3.97
N GLU A 64 17.03 -19.35 2.89
CA GLU A 64 17.78 -20.59 2.83
C GLU A 64 18.83 -20.66 3.90
N LEU A 65 19.50 -19.54 4.13
CA LEU A 65 20.58 -19.47 5.11
C LEU A 65 20.12 -19.87 6.51
N VAL A 66 18.95 -19.39 6.92
CA VAL A 66 18.43 -19.73 8.24
C VAL A 66 17.63 -21.02 8.15
N GLY A 67 17.97 -21.84 7.17
CA GLY A 67 17.40 -23.17 7.05
C GLY A 67 15.96 -23.17 6.58
N GLY A 68 15.69 -22.40 5.53
CA GLY A 68 14.38 -22.41 4.91
C GLY A 68 14.51 -22.77 3.44
N GLN A 69 13.37 -22.99 2.77
CA GLN A 69 13.42 -23.30 1.35
C GLN A 69 13.17 -22.06 0.51
N GLU A 70 13.80 -22.01 -0.67
CA GLU A 70 13.58 -20.92 -1.61
C GLU A 70 12.05 -20.74 -1.81
N SER A 71 11.35 -21.87 -1.95
CA SER A 71 9.88 -21.91 -1.95
C SER A 71 9.20 -20.87 -1.07
N THR A 72 9.56 -20.82 0.21
CA THR A 72 8.78 -20.07 1.20
C THR A 72 8.82 -18.55 1.02
N ALA A 73 9.97 -18.00 0.65
CA ALA A 73 10.11 -16.55 0.60
C ALA A 73 9.90 -15.87 -0.78
N MET A 74 9.18 -16.53 -1.69
CA MET A 74 9.15 -16.04 -3.06
C MET A 74 8.11 -14.95 -3.22
N SER A 75 7.02 -15.07 -2.45
CA SER A 75 5.92 -14.11 -2.49
C SER A 75 6.42 -12.83 -1.88
N ALA A 76 7.21 -13.00 -0.82
CA ALA A 76 7.83 -11.91 -0.11
C ALA A 76 8.87 -11.22 -0.97
N ALA A 77 9.70 -12.02 -1.63
CA ALA A 77 10.73 -11.52 -2.55
C ALA A 77 10.12 -10.70 -3.67
N CYS A 78 9.03 -11.20 -4.24
CA CYS A 78 8.27 -10.44 -5.22
C CYS A 78 7.81 -9.11 -4.65
N ALA A 79 7.07 -9.19 -3.55
CA ALA A 79 6.62 -8.03 -2.80
C ALA A 79 7.64 -6.90 -2.73
N ILE A 80 8.80 -7.17 -2.14
CA ILE A 80 9.82 -6.14 -1.97
C ILE A 80 10.25 -5.53 -3.33
N GLU A 81 10.30 -6.35 -4.38
CA GLU A 81 10.69 -5.84 -5.70
C GLU A 81 9.54 -5.00 -6.29
N MET A 82 8.28 -5.44 -6.10
CA MET A 82 7.10 -4.59 -6.35
C MET A 82 7.16 -3.22 -5.68
N LEU A 83 7.43 -3.22 -4.38
CA LEU A 83 7.56 -1.99 -3.60
C LEU A 83 8.70 -1.14 -4.15
N HIS A 84 9.77 -1.81 -4.56
CA HIS A 84 10.88 -1.11 -5.20
C HIS A 84 10.37 -0.37 -6.42
N ALA A 85 9.71 -1.11 -7.32
CA ALA A 85 9.03 -0.55 -8.48
C ALA A 85 8.12 0.62 -8.11
N SER A 86 7.14 0.38 -7.25
CA SER A 86 6.17 1.41 -6.90
C SER A 86 6.83 2.71 -6.49
N SER A 87 7.82 2.62 -5.60
CA SER A 87 8.50 3.83 -5.17
C SER A 87 9.31 4.40 -6.35
N LEU A 88 9.97 3.54 -7.09
CA LEU A 88 10.76 3.93 -8.27
C LEU A 88 9.99 4.77 -9.28
N ILE A 89 8.84 4.26 -9.74
CA ILE A 89 7.85 5.07 -10.47
C ILE A 89 7.62 6.45 -9.82
N LEU A 90 7.29 6.45 -8.53
CA LEU A 90 6.98 7.70 -7.87
C LEU A 90 8.13 8.72 -7.84
N ASP A 91 9.36 8.26 -7.65
CA ASP A 91 10.46 9.20 -7.50
C ASP A 91 10.81 9.83 -8.81
N ASP A 92 10.48 9.15 -9.90
CA ASP A 92 10.75 9.67 -11.23
C ASP A 92 9.86 10.83 -11.62
N LEU A 93 8.63 10.80 -11.09
CA LEU A 93 7.65 11.84 -11.32
C LEU A 93 8.26 13.24 -11.31
N PRO A 94 7.84 14.07 -12.28
CA PRO A 94 8.25 15.48 -12.43
C PRO A 94 8.19 16.25 -11.11
N CYS A 95 7.20 15.94 -10.31
CA CYS A 95 7.01 16.60 -9.05
C CYS A 95 8.24 16.33 -8.24
N MET A 96 8.77 15.12 -8.37
CA MET A 96 9.91 14.71 -7.58
C MET A 96 11.41 14.46 -7.55
N ASP A 97 11.95 13.76 -8.53
CA ASP A 97 13.25 13.77 -9.14
C ASP A 97 13.23 14.29 -10.56
N ASN A 98 12.13 14.09 -11.22
CA ASN A 98 11.95 14.51 -12.62
C ASN A 98 12.99 13.91 -13.58
N ASP A 99 12.88 12.61 -13.84
CA ASP A 99 13.84 11.92 -14.69
C ASP A 99 13.11 11.30 -15.86
N SER A 100 13.40 11.76 -17.07
CA SER A 100 12.67 11.30 -18.25
C SER A 100 13.17 9.93 -18.67
N LEU A 101 14.47 9.73 -18.55
CA LEU A 101 15.08 8.46 -18.95
C LEU A 101 15.74 7.74 -17.80
N ARG A 102 15.75 6.41 -17.91
CA ARG A 102 16.53 5.58 -17.02
C ARG A 102 17.15 4.43 -17.80
N ARG A 103 18.49 4.42 -17.87
CA ARG A 103 19.24 3.32 -18.48
C ARG A 103 18.90 3.29 -19.99
N GLY A 104 18.76 4.48 -20.56
CA GLY A 104 18.56 4.61 -21.99
C GLY A 104 17.11 4.52 -22.42
N LYS A 105 16.32 3.71 -21.72
CA LYS A 105 14.87 3.68 -21.94
C LYS A 105 14.16 4.82 -21.23
N PRO A 106 12.95 5.10 -21.65
CA PRO A 106 12.36 6.26 -20.98
C PRO A 106 11.47 5.79 -19.81
N THR A 107 11.12 6.68 -18.89
CA THR A 107 10.43 6.21 -17.67
C THR A 107 8.92 5.92 -17.79
N ASN A 108 8.32 5.39 -16.72
CA ASN A 108 6.92 4.98 -16.74
C ASN A 108 5.94 6.09 -17.17
N HIS A 109 6.12 7.28 -16.60
CA HIS A 109 5.23 8.42 -16.86
C HIS A 109 5.50 9.16 -18.16
N ILE A 110 6.55 8.80 -18.88
CA ILE A 110 6.69 9.42 -20.18
C ILE A 110 6.16 8.41 -21.26
N VAL A 111 5.69 7.28 -20.77
CA VAL A 111 5.10 6.31 -21.63
C VAL A 111 3.64 6.16 -21.33
N PHE A 112 3.24 6.47 -20.10
CA PHE A 112 1.84 6.36 -19.73
C PHE A 112 1.22 7.61 -19.15
N GLY A 113 2.02 8.63 -18.93
CA GLY A 113 1.50 9.85 -18.38
C GLY A 113 1.53 9.80 -16.88
N GLU A 114 1.53 10.96 -16.25
CA GLU A 114 1.61 11.07 -14.81
C GLU A 114 0.43 10.43 -14.10
N SER A 115 -0.75 10.67 -14.62
CA SER A 115 -1.99 10.09 -14.08
C SER A 115 -1.93 8.58 -13.90
N ILE A 116 -1.47 7.85 -14.92
CA ILE A 116 -1.43 6.38 -14.86
C ILE A 116 -0.26 5.86 -14.03
N ALA A 117 0.90 6.51 -14.19
CA ALA A 117 2.11 6.18 -13.44
C ALA A 117 1.79 6.05 -11.97
N ILE A 118 1.25 7.13 -11.42
CA ILE A 118 0.78 7.17 -10.04
C ILE A 118 -0.19 6.04 -9.71
N LEU A 119 -1.15 5.80 -10.58
CA LEU A 119 -2.07 4.70 -10.35
C LEU A 119 -1.32 3.40 -10.30
N ALA A 120 -0.43 3.17 -11.26
CA ALA A 120 0.35 1.93 -11.30
C ALA A 120 1.17 1.72 -10.00
N SER A 121 1.80 2.78 -9.47
CA SER A 121 2.61 2.63 -8.27
C SER A 121 1.75 2.25 -7.06
N GLN A 122 0.53 2.77 -7.05
CA GLN A 122 -0.37 2.52 -5.94
C GLN A 122 -0.89 1.11 -5.99
N ALA A 123 -1.23 0.65 -7.19
CA ALA A 123 -1.57 -0.76 -7.38
C ALA A 123 -0.40 -1.70 -6.99
N LEU A 124 0.83 -1.23 -7.18
CA LEU A 124 2.01 -2.03 -6.87
C LEU A 124 2.29 -2.08 -5.35
N ILE A 125 2.19 -0.94 -4.69
CA ILE A 125 2.37 -0.94 -3.26
C ILE A 125 1.23 -1.73 -2.58
N ALA A 126 0.06 -1.73 -3.20
CA ALA A 126 -1.06 -2.47 -2.64
C ALA A 126 -0.90 -3.95 -2.92
N LEU A 127 -0.43 -4.27 -4.11
CA LEU A 127 -0.19 -5.67 -4.44
C LEU A 127 1.00 -6.21 -3.62
N ALA A 128 1.99 -5.35 -3.36
CA ALA A 128 3.18 -5.74 -2.60
C ALA A 128 2.81 -6.30 -1.25
N VAL A 129 2.07 -5.49 -0.50
CA VAL A 129 1.56 -5.85 0.81
C VAL A 129 0.73 -7.13 0.77
N GLN A 130 -0.28 -7.12 -0.07
CA GLN A 130 -1.12 -8.28 -0.26
C GLN A 130 -0.33 -9.57 -0.36
N LYS A 131 0.73 -9.56 -1.16
CA LYS A 131 1.37 -10.79 -1.55
C LYS A 131 2.27 -11.43 -0.47
N THR A 132 2.71 -10.65 0.52
CA THR A 132 3.34 -11.26 1.69
C THR A 132 2.34 -12.08 2.49
N THR A 133 1.24 -11.44 2.86
CA THR A 133 0.18 -12.08 3.61
C THR A 133 -0.44 -13.23 2.86
N SER A 134 -0.73 -13.02 1.60
CA SER A 134 -1.37 -14.06 0.81
C SER A 134 -0.35 -15.05 0.35
N SER A 135 0.12 -15.84 1.29
CA SER A 135 1.12 -16.83 0.96
C SER A 135 0.60 -18.24 1.20
N THR A 136 0.81 -19.09 0.21
CA THR A 136 0.40 -20.47 0.26
C THR A 136 1.53 -21.10 1.04
N PHE A 137 1.60 -22.42 1.05
CA PHE A 137 2.64 -23.06 1.80
C PHE A 137 2.42 -22.56 3.20
N ALA A 138 1.16 -22.48 3.61
CA ALA A 138 0.88 -21.99 4.95
C ALA A 138 1.14 -23.16 5.84
N ASP A 139 2.34 -23.68 5.67
CA ASP A 139 2.81 -24.80 6.41
C ASP A 139 3.44 -24.16 7.57
N VAL A 140 3.34 -22.84 7.54
CA VAL A 140 3.94 -21.89 8.46
C VAL A 140 2.95 -21.05 9.22
N PRO A 141 3.29 -20.80 10.54
CA PRO A 141 2.31 -20.02 11.29
C PRO A 141 2.19 -18.62 10.76
N PRO A 142 0.97 -18.12 10.81
CA PRO A 142 0.60 -16.80 10.38
C PRO A 142 1.13 -15.75 11.30
N GLU A 143 1.62 -16.18 12.44
CA GLU A 143 2.10 -15.23 13.42
C GLU A 143 3.21 -14.37 12.90
N ARG A 144 4.13 -14.94 12.13
CA ARG A 144 5.23 -14.11 11.65
C ARG A 144 5.16 -13.82 10.15
N ILE A 145 4.06 -14.19 9.49
CA ILE A 145 3.66 -13.52 8.25
C ILE A 145 3.36 -12.04 8.54
N LEU A 146 2.71 -11.82 9.68
CA LEU A 146 2.49 -10.49 10.22
C LEU A 146 3.78 -9.72 10.47
N LYS A 147 4.78 -10.37 11.05
CA LYS A 147 6.05 -9.69 11.30
C LYS A 147 6.64 -9.27 9.97
N THR A 148 6.50 -10.16 8.98
CA THR A 148 6.91 -9.85 7.61
C THR A 148 6.23 -8.57 7.14
N VAL A 149 4.91 -8.49 7.29
CA VAL A 149 4.15 -7.32 6.83
C VAL A 149 4.60 -5.98 7.44
N GLN A 150 4.85 -5.98 8.75
CA GLN A 150 5.36 -4.81 9.45
C GLN A 150 6.77 -4.41 9.03
N GLU A 151 7.53 -5.40 8.57
CA GLU A 151 8.87 -5.15 8.05
C GLU A 151 8.76 -4.35 6.76
N MET A 152 7.72 -4.66 5.99
CA MET A 152 7.46 -3.97 4.73
C MET A 152 6.88 -2.59 4.96
N VAL A 153 6.03 -2.48 5.96
CA VAL A 153 5.68 -1.17 6.51
C VAL A 153 6.89 -0.29 6.81
N LYS A 154 7.80 -0.76 7.63
CA LYS A 154 8.90 0.07 8.04
C LYS A 154 9.64 0.51 6.84
N ALA A 155 9.75 -0.39 5.91
CA ALA A 155 10.47 -0.11 4.68
C ALA A 155 9.87 1.09 4.02
N VAL A 156 8.55 1.11 3.97
CA VAL A 156 7.84 2.20 3.30
C VAL A 156 8.08 3.52 4.00
N GLU A 157 8.07 3.51 5.34
CA GLU A 157 8.34 4.73 6.11
C GLU A 157 9.76 5.19 5.87
N GLY A 158 10.67 4.24 5.73
CA GLY A 158 12.07 4.54 5.45
C GLY A 158 12.20 5.27 4.13
N LEU A 159 11.46 4.79 3.14
CA LEU A 159 11.46 5.35 1.78
C LEU A 159 10.92 6.78 1.75
N VAL A 160 9.83 7.00 2.47
CA VAL A 160 9.21 8.31 2.62
C VAL A 160 10.18 9.27 3.28
N ALA A 161 10.58 8.90 4.49
CA ALA A 161 11.66 9.54 5.23
C ALA A 161 12.80 9.97 4.31
N GLY A 162 13.31 9.01 3.54
CA GLY A 162 14.48 9.19 2.70
C GLY A 162 14.22 10.03 1.46
N GLN A 163 13.08 9.82 0.82
CA GLN A 163 12.69 10.60 -0.36
C GLN A 163 12.53 12.05 0.02
N GLN A 164 11.98 12.25 1.22
CA GLN A 164 11.74 13.59 1.74
C GLN A 164 13.03 14.36 2.05
N ALA A 165 13.98 13.68 2.67
CA ALA A 165 15.28 14.28 2.96
C ALA A 165 16.04 14.63 1.70
N ASP A 166 15.84 13.86 0.64
CA ASP A 166 16.54 14.06 -0.62
C ASP A 166 16.23 15.46 -1.15
N LEU A 167 15.11 16.02 -0.69
CA LEU A 167 14.68 17.33 -1.15
C LEU A 167 15.06 18.44 -0.15
N ALA A 168 16.27 18.92 -0.30
CA ALA A 168 16.84 19.97 0.50
C ALA A 168 17.88 20.60 -0.39
N GLY A 169 17.49 20.90 -1.62
CA GLY A 169 18.39 21.51 -2.58
C GLY A 169 19.20 22.64 -1.96
N THR A 178 30.08 21.16 4.52
CA THR A 178 31.20 20.94 5.42
C THR A 178 30.96 19.77 6.35
N GLY A 179 31.36 18.58 5.92
CA GLY A 179 31.19 17.41 6.75
C GLY A 179 29.71 17.28 7.05
N LEU A 180 28.86 17.86 6.23
CA LEU A 180 27.45 17.77 6.58
C LEU A 180 27.01 16.32 6.55
N GLU A 181 27.31 15.66 5.45
CA GLU A 181 27.04 14.23 5.31
C GLU A 181 25.70 13.64 5.79
N HIS A 182 24.59 14.26 5.42
CA HIS A 182 23.29 13.67 5.76
C HIS A 182 22.91 12.68 4.64
N LEU A 183 23.78 12.59 3.66
CA LEU A 183 23.62 11.74 2.53
C LEU A 183 23.51 10.36 3.09
N GLU A 184 24.27 10.08 4.13
CA GLU A 184 24.22 8.78 4.71
C GLU A 184 22.81 8.54 5.18
N PHE A 185 22.18 9.57 5.73
CA PHE A 185 20.83 9.37 6.17
C PHE A 185 19.98 9.09 4.98
N ILE A 186 20.16 9.89 3.94
CA ILE A 186 19.32 9.67 2.77
C ILE A 186 19.50 8.27 2.28
N HIS A 187 20.76 7.89 2.14
CA HIS A 187 21.02 6.60 1.58
C HIS A 187 20.46 5.51 2.37
N ILE A 188 20.62 5.54 3.68
CA ILE A 188 20.14 4.43 4.46
C ILE A 188 18.67 4.34 4.24
N HIS A 189 18.06 5.46 4.49
CA HIS A 189 16.64 5.47 4.49
C HIS A 189 16.02 5.01 3.24
N LYS A 190 16.57 5.36 2.08
CA LYS A 190 15.91 4.88 0.88
C LYS A 190 16.54 3.67 0.29
N THR A 191 17.82 3.76 0.12
CA THR A 191 18.54 2.70 -0.55
C THR A 191 18.71 1.45 0.20
N ALA A 192 19.07 1.62 1.45
CA ALA A 192 19.33 0.49 2.34
C ALA A 192 18.07 -0.16 2.89
N ALA A 193 16.98 0.60 3.02
CA ALA A 193 15.77 0.08 3.66
C ALA A 193 15.24 -1.17 2.98
N LEU A 194 15.05 -1.09 1.66
CA LEU A 194 14.54 -2.23 0.87
C LEU A 194 15.44 -3.46 1.01
N LEU A 195 16.73 -3.24 0.87
CA LEU A 195 17.74 -4.27 1.14
C LEU A 195 17.58 -4.94 2.51
N GLU A 196 17.47 -4.12 3.57
CA GLU A 196 17.25 -4.62 4.94
C GLU A 196 15.95 -5.38 5.05
N ALA A 197 14.92 -4.83 4.42
CA ALA A 197 13.62 -5.49 4.37
C ALA A 197 13.73 -6.88 3.76
N ALA A 198 14.42 -6.97 2.61
CA ALA A 198 14.67 -8.21 1.90
C ALA A 198 15.26 -9.30 2.80
N ALA A 199 16.41 -8.95 3.39
CA ALA A 199 17.15 -9.80 4.29
C ALA A 199 16.24 -10.33 5.38
N VAL A 200 15.65 -9.39 6.12
CA VAL A 200 14.80 -9.72 7.25
C VAL A 200 13.53 -10.49 6.89
N MET A 201 12.74 -9.97 5.95
CA MET A 201 11.52 -10.70 5.52
C MET A 201 11.88 -12.12 5.11
N GLY A 202 13.06 -12.32 4.54
CA GLY A 202 13.50 -13.65 4.16
C GLY A 202 13.92 -14.47 5.38
N ALA A 203 14.70 -13.82 6.23
CA ALA A 203 15.13 -14.39 7.51
C ALA A 203 13.93 -14.93 8.31
N ILE A 204 12.92 -14.07 8.48
CA ILE A 204 11.68 -14.39 9.19
C ILE A 204 10.96 -15.60 8.61
N MET A 205 10.72 -15.59 7.30
CA MET A 205 9.97 -16.67 6.65
C MET A 205 10.69 -17.99 6.76
N GLY A 206 12.02 -17.92 6.85
CA GLY A 206 12.88 -19.09 6.90
C GLY A 206 12.86 -19.89 8.20
N GLY A 207 12.66 -19.19 9.31
CA GLY A 207 12.55 -19.86 10.60
C GLY A 207 13.55 -19.25 11.54
N GLY A 208 14.07 -18.09 11.15
CA GLY A 208 15.18 -17.46 11.82
C GLY A 208 14.88 -16.90 13.19
N SER A 209 15.89 -17.02 14.06
CA SER A 209 15.87 -16.45 15.41
C SER A 209 15.93 -14.93 15.31
N ASP A 210 15.39 -14.24 16.32
CA ASP A 210 15.33 -12.79 16.25
C ASP A 210 16.73 -12.16 16.13
N GLU A 211 17.76 -12.97 16.33
CA GLU A 211 19.12 -12.45 16.35
C GLU A 211 19.85 -12.75 15.05
N GLU A 212 19.62 -13.93 14.49
CA GLU A 212 19.97 -14.20 13.11
C GLU A 212 19.44 -13.04 12.23
N ILE A 213 18.20 -12.65 12.47
CA ILE A 213 17.50 -11.62 11.70
C ILE A 213 18.20 -10.26 11.74
N GLU A 214 18.61 -9.82 12.91
CA GLU A 214 19.23 -8.51 13.04
C GLU A 214 20.65 -8.52 12.53
N ARG A 215 21.25 -9.70 12.46
CA ARG A 215 22.61 -9.81 11.97
C ARG A 215 22.52 -9.58 10.49
N LEU A 216 21.48 -10.17 9.89
CA LEU A 216 21.14 -9.98 8.48
C LEU A 216 20.78 -8.54 8.21
N ARG A 217 19.97 -7.93 9.08
CA ARG A 217 19.60 -6.53 8.91
C ARG A 217 20.82 -5.61 8.85
N SER A 218 21.89 -5.98 9.54
CA SER A 218 23.06 -5.12 9.61
C SER A 218 23.92 -5.33 8.38
N TYR A 219 24.12 -6.60 8.04
CA TYR A 219 24.76 -6.99 6.81
C TYR A 219 24.14 -6.21 5.66
N ALA A 220 22.83 -6.38 5.53
CA ALA A 220 22.02 -5.71 4.52
C ALA A 220 22.30 -4.21 4.51
N ARG A 221 22.58 -3.64 5.66
CA ARG A 221 22.82 -2.20 5.71
C ARG A 221 24.23 -1.85 5.29
N CYS A 222 25.17 -2.75 5.54
CA CYS A 222 26.56 -2.43 5.21
C CYS A 222 26.65 -2.47 3.72
N ILE A 223 26.07 -3.53 3.18
CA ILE A 223 26.03 -3.77 1.75
C ILE A 223 25.23 -2.71 1.03
N GLY A 224 24.12 -2.26 1.64
CA GLY A 224 23.40 -1.09 1.19
C GLY A 224 24.31 0.09 0.93
N LEU A 225 24.88 0.63 2.01
CA LEU A 225 25.86 1.71 1.97
C LEU A 225 26.94 1.49 0.92
N MET A 226 27.46 0.27 0.90
CA MET A 226 28.65 -0.05 0.13
C MET A 226 28.37 0.04 -1.38
N PHE A 227 27.11 -0.16 -1.77
CA PHE A 227 26.72 0.05 -3.17
C PHE A 227 26.88 1.50 -3.56
N GLN A 228 26.33 2.37 -2.73
CA GLN A 228 26.25 3.75 -3.15
C GLN A 228 27.62 4.38 -3.08
N VAL A 229 28.40 3.99 -2.09
CA VAL A 229 29.79 4.47 -1.99
C VAL A 229 30.64 4.11 -3.22
N VAL A 230 30.53 2.86 -3.66
CA VAL A 230 31.32 2.36 -4.80
C VAL A 230 30.86 2.94 -6.15
N ASP A 231 29.55 3.03 -6.35
CA ASP A 231 29.01 3.64 -7.56
C ASP A 231 29.41 5.10 -7.68
N ASP A 232 29.33 5.81 -6.58
CA ASP A 232 29.71 7.20 -6.61
C ASP A 232 31.12 7.25 -7.15
N VAL A 233 31.94 6.37 -6.63
CA VAL A 233 33.34 6.34 -7.01
C VAL A 233 33.61 6.03 -8.47
N LEU A 234 32.83 5.15 -9.07
CA LEU A 234 33.10 4.80 -10.44
C LEU A 234 32.57 6.01 -11.13
N ASP A 235 33.34 7.07 -10.97
CA ASP A 235 33.02 8.36 -11.53
C ASP A 235 34.30 9.15 -11.69
N LYS A 255 24.17 19.00 -5.47
CA LYS A 255 24.05 17.58 -5.80
C LYS A 255 25.31 16.85 -5.37
N LEU A 256 25.36 16.48 -4.09
CA LEU A 256 26.57 15.96 -3.45
C LEU A 256 26.75 14.44 -3.58
N THR A 257 27.94 14.00 -3.97
CA THR A 257 28.22 12.56 -4.03
C THR A 257 29.25 12.21 -2.96
N TYR A 258 29.45 10.93 -2.71
CA TYR A 258 30.30 10.50 -1.61
C TYR A 258 31.78 10.79 -1.80
N PRO A 259 32.34 10.55 -3.00
CA PRO A 259 33.78 10.82 -3.06
C PRO A 259 34.16 12.29 -2.92
N ARG A 260 33.24 13.20 -3.24
CA ARG A 260 33.56 14.62 -3.14
C ARG A 260 33.65 15.11 -1.70
N LEU A 261 32.66 14.80 -0.85
CA LEU A 261 32.75 15.19 0.56
C LEU A 261 33.91 14.50 1.28
N MET A 262 34.29 13.34 0.74
CA MET A 262 35.40 12.56 1.26
C MET A 262 36.73 12.98 0.64
N GLY A 263 36.78 12.92 -0.69
CA GLY A 263 38.04 12.86 -1.40
C GLY A 263 38.00 11.46 -1.96
N VAL A 264 38.42 11.28 -3.22
CA VAL A 264 38.22 10.01 -3.95
C VAL A 264 38.62 8.75 -3.18
N GLU A 265 39.76 8.77 -2.50
CA GLU A 265 40.21 7.57 -1.82
C GLU A 265 39.42 7.26 -0.55
N LYS A 266 39.36 8.18 0.42
CA LYS A 266 38.79 7.83 1.74
C LYS A 266 37.38 7.26 1.64
N SER A 267 36.75 7.50 0.49
CA SER A 267 35.56 6.76 0.10
C SER A 267 35.86 5.26 -0.09
N LYS A 268 37.01 4.96 -0.68
CA LYS A 268 37.35 3.59 -1.07
C LYS A 268 37.75 2.68 0.11
N GLU A 269 38.09 3.25 1.26
CA GLU A 269 38.29 2.42 2.45
C GLU A 269 37.00 2.31 3.22
N TYR A 270 36.16 3.35 3.12
CA TYR A 270 34.83 3.28 3.70
C TYR A 270 34.13 2.07 3.16
N ALA A 271 34.30 1.87 1.85
CA ALA A 271 33.74 0.71 1.18
C ALA A 271 34.22 -0.57 1.86
N GLU A 272 35.53 -0.71 1.97
CA GLU A 272 36.10 -1.94 2.49
C GLU A 272 35.88 -2.06 3.99
N ARG A 273 35.78 -0.93 4.67
CA ARG A 273 35.41 -0.95 6.08
C ARG A 273 33.98 -1.50 6.19
N LEU A 274 33.13 -1.00 5.31
CA LEU A 274 31.77 -1.49 5.17
C LEU A 274 31.78 -2.93 4.77
N ASN A 275 32.64 -3.22 3.81
CA ASN A 275 32.78 -4.55 3.26
C ASN A 275 33.09 -5.56 4.36
N ILE A 276 34.09 -5.24 5.17
CA ILE A 276 34.48 -6.10 6.29
C ILE A 276 33.39 -6.23 7.34
N GLU A 277 32.85 -5.07 7.73
CA GLU A 277 31.82 -4.99 8.74
C GLU A 277 30.65 -5.89 8.36
N ALA A 278 30.25 -5.77 7.10
CA ALA A 278 29.26 -6.66 6.50
C ALA A 278 29.63 -8.13 6.72
N ARG A 279 30.89 -8.44 6.42
CA ARG A 279 31.33 -9.81 6.56
C ARG A 279 31.30 -10.26 8.01
N GLU A 280 31.80 -9.41 8.90
CA GLU A 280 31.74 -9.70 10.34
C GLU A 280 30.34 -10.17 10.74
N HIS A 281 29.34 -9.39 10.34
CA HIS A 281 27.95 -9.69 10.65
C HIS A 281 27.49 -11.06 10.19
N LEU A 282 28.24 -11.67 9.28
CA LEU A 282 27.84 -12.97 8.78
C LEU A 282 28.44 -14.11 9.57
N LEU A 283 29.55 -13.84 10.25
CA LEU A 283 30.18 -14.78 11.18
C LEU A 283 29.14 -15.24 12.18
N GLY A 284 29.05 -16.54 12.36
CA GLY A 284 28.03 -17.11 13.23
C GLY A 284 27.09 -17.99 12.43
N PHE A 285 27.15 -17.84 11.12
CA PHE A 285 26.28 -18.61 10.24
C PHE A 285 27.00 -19.82 9.69
N ASP A 286 26.22 -20.71 9.09
CA ASP A 286 26.74 -21.88 8.38
C ASP A 286 27.58 -21.48 7.19
N ILE A 287 28.81 -21.99 7.16
CA ILE A 287 29.86 -21.50 6.28
C ILE A 287 29.66 -22.03 4.85
N ASP A 288 28.61 -22.82 4.67
CA ASP A 288 28.18 -23.23 3.34
C ASP A 288 27.06 -22.30 2.87
N LYS A 289 25.92 -22.33 3.56
CA LYS A 289 24.72 -21.59 3.15
C LYS A 289 24.89 -20.07 3.08
N VAL A 290 26.02 -19.57 3.56
CA VAL A 290 26.23 -18.12 3.64
C VAL A 290 27.11 -17.65 2.49
N ALA A 291 27.63 -18.63 1.74
CA ALA A 291 28.45 -18.38 0.55
C ALA A 291 28.00 -17.20 -0.32
N PRO A 292 26.69 -17.17 -0.73
CA PRO A 292 26.22 -16.15 -1.66
C PRO A 292 26.23 -14.76 -1.10
N LEU A 293 25.97 -14.66 0.20
CA LEU A 293 25.91 -13.36 0.82
C LEU A 293 27.31 -12.83 1.01
N VAL A 294 28.25 -13.72 1.26
CA VAL A 294 29.64 -13.29 1.29
C VAL A 294 30.05 -12.89 -0.12
N SER A 295 29.82 -13.81 -1.06
CA SER A 295 30.11 -13.59 -2.46
C SER A 295 29.45 -12.32 -2.99
N LEU A 296 28.22 -12.06 -2.56
CA LEU A 296 27.53 -10.83 -2.95
C LEU A 296 28.34 -9.60 -2.54
N ALA A 297 28.69 -9.52 -1.26
CA ALA A 297 29.57 -8.47 -0.73
C ALA A 297 30.87 -8.34 -1.54
N ASP A 298 31.53 -9.48 -1.79
CA ASP A 298 32.72 -9.57 -2.63
C ASP A 298 32.53 -8.80 -3.93
N TYR A 299 31.63 -9.35 -4.77
CA TYR A 299 31.24 -8.77 -6.05
C TYR A 299 31.24 -7.24 -6.02
N ILE A 300 30.43 -6.66 -5.13
CA ILE A 300 30.18 -5.21 -5.05
C ILE A 300 31.44 -4.37 -4.92
N VAL A 301 32.25 -4.70 -3.93
CA VAL A 301 33.46 -3.95 -3.62
C VAL A 301 34.56 -4.15 -4.68
N ASN A 302 34.58 -5.32 -5.32
CA ASN A 302 35.53 -5.60 -6.40
C ASN A 302 35.08 -4.93 -7.69
N ARG A 303 34.88 -3.62 -7.62
CA ARG A 303 34.60 -2.79 -8.79
C ARG A 303 35.40 -1.50 -8.63
N PHE B 9 -32.85 13.77 14.56
CA PHE B 9 -32.79 12.52 15.30
C PHE B 9 -31.40 12.28 15.86
N LYS B 10 -31.40 11.39 16.84
CA LYS B 10 -30.19 10.93 17.43
C LYS B 10 -29.45 10.03 16.45
N PHE B 11 -30.10 9.35 15.54
CA PHE B 11 -29.21 8.56 14.77
C PHE B 11 -28.09 9.53 14.46
N MET B 12 -28.38 10.81 14.25
CA MET B 12 -27.34 11.76 14.01
C MET B 12 -26.50 11.76 15.27
N SER B 13 -27.20 11.70 16.38
CA SER B 13 -26.56 11.61 17.65
C SER B 13 -25.99 10.22 17.59
N TYR B 14 -25.00 9.90 18.40
CA TYR B 14 -24.43 8.56 18.34
C TYR B 14 -23.63 8.57 17.06
N MET B 15 -24.26 8.96 15.97
CA MET B 15 -23.53 9.06 14.73
C MET B 15 -22.50 10.12 14.97
N VAL B 16 -22.94 11.18 15.64
CA VAL B 16 -22.03 12.24 15.98
C VAL B 16 -21.02 11.73 16.97
N ASN B 17 -21.46 10.93 17.93
CA ASN B 17 -20.55 10.44 18.94
C ASN B 17 -19.47 9.54 18.39
N LYS B 18 -19.84 8.59 17.56
CA LYS B 18 -18.81 7.73 16.96
C LYS B 18 -17.73 8.60 16.33
N ALA B 19 -18.17 9.62 15.60
CA ALA B 19 -17.29 10.49 14.83
C ALA B 19 -16.29 11.23 15.70
N LYS B 20 -16.74 11.66 16.86
CA LYS B 20 -15.91 12.37 17.83
C LYS B 20 -14.94 11.38 18.47
N SER B 21 -15.49 10.21 18.79
CA SER B 21 -14.77 9.07 19.34
C SER B 21 -13.65 8.59 18.41
N VAL B 22 -13.94 8.63 17.11
CA VAL B 22 -12.99 8.26 16.09
C VAL B 22 -11.93 9.35 15.94
N ASN B 23 -12.40 10.57 15.71
CA ASN B 23 -11.54 11.76 15.62
C ASN B 23 -10.47 11.87 16.70
N LYS B 24 -10.75 11.27 17.86
CA LYS B 24 -9.79 11.29 18.94
C LYS B 24 -8.78 10.15 18.78
N ALA B 25 -9.25 8.97 18.39
CA ALA B 25 -8.32 7.85 18.13
C ALA B 25 -7.41 8.18 16.97
N LEU B 26 -7.92 9.04 16.08
CA LEU B 26 -7.17 9.49 14.92
C LEU B 26 -6.07 10.46 15.33
N GLU B 27 -6.39 11.46 16.14
CA GLU B 27 -5.41 12.50 16.45
C GLU B 27 -4.23 11.92 17.25
N GLU B 28 -4.42 10.76 17.87
CA GLU B 28 -3.32 10.16 18.64
C GLU B 28 -2.51 9.18 17.77
N ALA B 29 -3.15 8.70 16.72
CA ALA B 29 -2.49 7.83 15.78
C ALA B 29 -1.40 8.61 15.07
N VAL B 30 -1.69 9.87 14.78
CA VAL B 30 -0.75 10.74 14.07
C VAL B 30 -0.45 12.03 14.80
N PRO B 31 0.49 11.93 15.81
CA PRO B 31 0.77 13.18 16.53
C PRO B 31 1.87 14.00 15.90
N LEU B 32 2.37 14.97 16.66
CA LEU B 32 3.44 15.85 16.23
C LEU B 32 4.76 15.33 16.81
N ARG B 33 5.75 15.17 15.95
CA ARG B 33 7.07 14.68 16.35
C ARG B 33 8.00 15.11 15.24
N GLU B 34 9.29 15.14 15.52
CA GLU B 34 10.26 15.62 14.54
C GLU B 34 10.52 14.73 13.35
N PRO B 35 10.50 13.38 13.64
CA PRO B 35 10.81 12.53 12.49
C PRO B 35 9.59 11.82 11.96
N GLU B 36 9.24 12.07 10.71
CA GLU B 36 9.85 13.10 9.88
C GLU B 36 8.81 14.05 10.35
N LEU B 37 8.94 15.34 10.25
CA LEU B 37 7.81 16.03 10.85
C LEU B 37 6.74 16.59 9.94
N LYS B 38 7.13 17.25 8.85
CA LYS B 38 6.11 17.83 7.98
C LYS B 38 5.24 16.76 7.36
N ILE B 39 5.84 15.71 6.87
CA ILE B 39 5.06 14.62 6.31
C ILE B 39 3.95 14.25 7.29
N ARG B 40 4.26 14.36 8.58
CA ARG B 40 3.28 14.07 9.62
C ARG B 40 2.28 15.19 9.71
N GLU B 41 2.72 16.41 9.49
CA GLU B 41 1.81 17.56 9.49
C GLU B 41 0.91 17.58 8.26
N ALA B 42 1.48 17.23 7.11
CA ALA B 42 0.71 17.12 5.88
C ALA B 42 -0.34 16.02 6.00
N MET B 43 0.00 14.97 6.75
CA MET B 43 -0.89 13.85 6.95
C MET B 43 -2.12 14.34 7.67
N ARG B 44 -1.90 15.11 8.74
CA ARG B 44 -3.02 15.62 9.52
C ARG B 44 -3.82 16.66 8.78
N TYR B 45 -3.17 17.55 8.02
CA TYR B 45 -3.91 18.60 7.31
C TYR B 45 -5.11 18.04 6.52
N THR B 46 -4.97 16.85 5.98
CA THR B 46 -6.07 16.25 5.24
C THR B 46 -6.86 15.29 6.13
N LEU B 47 -6.16 14.54 6.98
CA LEU B 47 -6.79 13.46 7.75
C LEU B 47 -7.74 13.98 8.82
N LEU B 48 -7.33 15.06 9.48
CA LEU B 48 -8.07 15.64 10.60
C LEU B 48 -8.73 16.96 10.23
N SER B 49 -9.39 17.00 9.08
CA SER B 49 -10.33 18.06 8.74
C SER B 49 -11.71 17.52 9.07
N ASP B 50 -12.72 18.37 9.02
CA ASP B 50 -14.05 17.91 9.33
C ASP B 50 -14.58 17.11 8.18
N GLY B 51 -15.06 15.92 8.50
CA GLY B 51 -15.63 15.05 7.51
C GLY B 51 -16.53 14.09 8.23
N LYS B 52 -17.47 13.51 7.53
CA LYS B 52 -18.35 12.57 8.14
C LYS B 52 -17.50 11.35 8.09
N ARG B 53 -17.24 10.75 9.23
CA ARG B 53 -16.41 9.58 9.22
C ARG B 53 -17.35 8.47 8.92
N VAL B 54 -17.96 8.51 7.75
CA VAL B 54 -18.90 7.42 7.50
C VAL B 54 -18.14 6.11 7.49
N ARG B 55 -17.06 6.06 6.71
CA ARG B 55 -16.33 4.81 6.50
C ARG B 55 -15.88 4.17 7.82
N PRO B 56 -15.20 4.92 8.70
CA PRO B 56 -14.79 4.29 9.95
C PRO B 56 -15.98 3.92 10.80
N MET B 57 -16.94 4.84 10.83
CA MET B 57 -18.15 4.65 11.60
C MET B 57 -18.85 3.35 11.20
N LEU B 58 -18.87 3.06 9.90
CA LEU B 58 -19.41 1.80 9.40
C LEU B 58 -18.59 0.56 9.87
N CYS B 59 -17.26 0.70 9.92
CA CYS B 59 -16.40 -0.35 10.46
C CYS B 59 -16.82 -0.78 11.87
N LEU B 60 -16.74 0.14 12.84
CA LEU B 60 -17.23 -0.12 14.21
C LEU B 60 -18.63 -0.76 14.26
N ALA B 61 -19.54 -0.20 13.47
CA ALA B 61 -20.88 -0.73 13.30
C ALA B 61 -20.86 -2.22 12.98
N ALA B 62 -20.14 -2.57 11.92
CA ALA B 62 -20.15 -3.93 11.40
C ALA B 62 -19.57 -4.88 12.43
N CYS B 63 -18.64 -4.34 13.21
CA CYS B 63 -18.01 -5.09 14.29
C CYS B 63 -19.03 -5.35 15.40
N GLU B 64 -19.63 -4.29 15.94
CA GLU B 64 -20.62 -4.49 16.99
C GLU B 64 -21.70 -5.47 16.51
N LEU B 65 -22.08 -5.33 15.25
CA LEU B 65 -23.15 -6.10 14.68
C LEU B 65 -22.94 -7.61 14.72
N VAL B 66 -21.71 -8.04 14.46
CA VAL B 66 -21.40 -9.47 14.44
C VAL B 66 -21.00 -10.00 15.80
N GLY B 67 -21.29 -9.25 16.85
CA GLY B 67 -21.09 -9.73 18.20
C GLY B 67 -19.77 -9.35 18.84
N GLY B 68 -19.08 -8.37 18.25
CA GLY B 68 -17.86 -7.87 18.83
C GLY B 68 -18.10 -6.57 19.56
N GLN B 69 -17.04 -5.79 19.75
CA GLN B 69 -17.17 -4.52 20.45
C GLN B 69 -16.38 -3.43 19.74
N GLU B 70 -16.79 -2.19 19.95
CA GLU B 70 -16.28 -1.06 19.18
C GLU B 70 -14.73 -0.93 19.17
N SER B 71 -14.09 -1.06 20.33
CA SER B 71 -12.66 -0.77 20.42
C SER B 71 -11.77 -1.75 19.63
N THR B 72 -12.26 -2.96 19.42
CA THR B 72 -11.54 -3.98 18.66
C THR B 72 -11.35 -3.61 17.19
N ALA B 73 -12.36 -2.99 16.61
CA ALA B 73 -12.28 -2.53 15.23
C ALA B 73 -11.73 -1.12 15.13
N MET B 74 -11.30 -0.54 16.25
CA MET B 74 -11.03 0.88 16.26
C MET B 74 -9.89 1.23 15.35
N SER B 75 -8.87 0.37 15.35
CA SER B 75 -7.67 0.62 14.59
C SER B 75 -7.80 0.07 13.18
N ALA B 76 -8.72 -0.86 12.96
CA ALA B 76 -9.17 -1.17 11.59
C ALA B 76 -9.86 0.03 11.02
N ALA B 77 -10.80 0.55 11.82
CA ALA B 77 -11.56 1.74 11.52
C ALA B 77 -10.69 2.96 11.26
N CYS B 78 -9.62 3.08 12.02
CA CYS B 78 -8.75 4.24 11.88
C CYS B 78 -7.98 4.20 10.57
N ALA B 79 -7.66 2.99 10.14
CA ALA B 79 -6.87 2.81 8.93
C ALA B 79 -7.71 3.03 7.70
N ILE B 80 -8.95 2.54 7.73
CA ILE B 80 -9.82 2.66 6.58
C ILE B 80 -10.10 4.14 6.30
N GLU B 81 -10.02 4.99 7.32
CA GLU B 81 -10.15 6.43 7.11
C GLU B 81 -8.81 6.99 6.64
N MET B 82 -7.72 6.39 7.10
CA MET B 82 -6.40 6.77 6.61
C MET B 82 -6.25 6.53 5.11
N LEU B 83 -6.68 5.35 4.65
CA LEU B 83 -6.71 5.07 3.22
C LEU B 83 -7.57 6.09 2.47
N HIS B 84 -8.74 6.43 3.03
CA HIS B 84 -9.59 7.49 2.47
C HIS B 84 -8.81 8.77 2.26
N ALA B 85 -8.19 9.26 3.33
CA ALA B 85 -7.37 10.47 3.23
C ALA B 85 -6.21 10.32 2.22
N SER B 86 -5.56 9.17 2.16
CA SER B 86 -4.46 8.95 1.21
C SER B 86 -4.93 9.08 -0.23
N SER B 87 -6.18 8.66 -0.46
CA SER B 87 -6.72 8.61 -1.80
C SER B 87 -7.00 9.99 -2.33
N LEU B 88 -7.72 10.80 -1.57
CA LEU B 88 -8.14 12.09 -2.12
C LEU B 88 -7.04 13.14 -2.04
N ILE B 89 -5.96 12.85 -1.32
CA ILE B 89 -4.75 13.66 -1.47
C ILE B 89 -4.29 13.45 -2.90
N LEU B 90 -4.36 12.20 -3.33
CA LEU B 90 -3.93 11.82 -4.66
C LEU B 90 -4.95 12.19 -5.74
N ASP B 91 -6.23 12.13 -5.41
CA ASP B 91 -7.26 12.46 -6.38
C ASP B 91 -7.24 13.96 -6.73
N ASP B 92 -6.99 14.80 -5.73
CA ASP B 92 -6.95 16.24 -5.92
C ASP B 92 -5.70 16.73 -6.65
N LEU B 93 -4.85 15.81 -7.05
CA LEU B 93 -3.67 16.19 -7.78
C LEU B 93 -4.04 16.61 -9.18
N PRO B 94 -3.18 17.54 -9.75
CA PRO B 94 -3.53 17.96 -11.11
C PRO B 94 -3.56 16.79 -12.05
N CYS B 95 -2.71 15.82 -11.81
CA CYS B 95 -2.66 14.66 -12.67
C CYS B 95 -4.02 14.03 -12.64
N MET B 96 -4.66 14.10 -11.49
CA MET B 96 -5.97 13.51 -11.31
C MET B 96 -6.82 14.78 -11.24
N ASP B 97 -8.00 14.70 -10.63
CA ASP B 97 -9.08 15.66 -10.76
C ASP B 97 -8.63 17.11 -10.77
N ASN B 98 -7.50 17.39 -10.17
CA ASN B 98 -7.01 18.75 -10.14
C ASN B 98 -8.00 19.70 -9.50
N ASP B 99 -8.59 19.27 -8.40
CA ASP B 99 -9.51 20.13 -7.72
C ASP B 99 -8.64 21.02 -6.89
N SER B 100 -8.62 22.30 -7.22
CA SER B 100 -7.77 23.25 -6.52
C SER B 100 -8.14 23.33 -5.07
N LEU B 101 -9.44 23.43 -4.79
CA LEU B 101 -9.90 23.47 -3.42
C LEU B 101 -11.15 22.63 -3.21
N ARG B 102 -11.15 21.76 -2.20
CA ARG B 102 -12.32 20.99 -1.89
C ARG B 102 -12.59 20.90 -0.40
N ARG B 103 -13.74 21.37 0.02
CA ARG B 103 -14.11 21.31 1.42
C ARG B 103 -13.18 22.20 2.20
N GLY B 104 -11.90 21.88 2.17
CA GLY B 104 -10.93 22.70 2.90
C GLY B 104 -10.75 23.84 1.90
N LYS B 105 -10.03 24.93 2.17
CA LYS B 105 -10.05 25.94 1.12
C LYS B 105 -8.86 25.43 0.30
N PRO B 106 -7.68 25.34 0.90
CA PRO B 106 -6.95 24.72 -0.20
C PRO B 106 -6.84 23.20 -0.01
N THR B 107 -6.59 22.51 -1.12
CA THR B 107 -6.25 21.10 -1.08
C THR B 107 -4.83 20.92 -0.57
N ASN B 108 -4.51 19.68 -0.21
CA ASN B 108 -3.23 19.35 0.39
C ASN B 108 -2.02 19.79 -0.44
N HIS B 109 -2.06 19.53 -1.75
CA HIS B 109 -0.90 19.85 -2.58
C HIS B 109 -0.77 21.34 -2.83
N ILE B 110 -1.84 22.07 -2.56
CA ILE B 110 -1.83 23.51 -2.79
C ILE B 110 -1.18 24.20 -1.61
N VAL B 111 -1.36 23.63 -0.43
CA VAL B 111 -0.65 24.11 0.74
C VAL B 111 0.80 23.68 0.76
N PHE B 112 1.05 22.39 0.54
CA PHE B 112 2.35 21.80 0.82
C PHE B 112 3.23 21.50 -0.38
N GLY B 113 2.63 21.49 -1.57
CA GLY B 113 3.35 21.04 -2.77
C GLY B 113 2.93 19.65 -3.19
N GLU B 114 3.09 19.35 -4.47
CA GLU B 114 2.80 18.02 -4.97
C GLU B 114 3.72 16.96 -4.34
N SER B 115 5.02 17.25 -4.32
CA SER B 115 6.00 16.36 -3.72
C SER B 115 5.55 15.90 -2.32
N ILE B 116 5.40 16.87 -1.41
CA ILE B 116 5.00 16.60 -0.03
C ILE B 116 3.61 15.96 0.15
N ALA B 117 2.65 16.35 -0.69
CA ALA B 117 1.34 15.72 -0.67
C ALA B 117 1.45 14.23 -0.96
N ILE B 118 2.11 13.93 -2.08
CA ILE B 118 2.26 12.56 -2.56
C ILE B 118 2.89 11.69 -1.48
N LEU B 119 4.03 12.15 -0.97
CA LEU B 119 4.71 11.52 0.15
C LEU B 119 3.79 11.24 1.35
N ALA B 120 3.10 12.29 1.81
CA ALA B 120 2.10 12.16 2.88
C ALA B 120 1.10 11.06 2.59
N SER B 121 0.63 10.97 1.35
CA SER B 121 -0.38 9.97 1.00
C SER B 121 0.18 8.56 1.18
N GLN B 122 1.49 8.43 1.00
CA GLN B 122 2.17 7.16 1.12
C GLN B 122 2.38 6.83 2.57
N ALA B 123 2.79 7.83 3.34
CA ALA B 123 3.01 7.67 4.77
C ALA B 123 1.74 7.15 5.39
N LEU B 124 0.62 7.68 4.88
CA LEU B 124 -0.71 7.34 5.34
C LEU B 124 -1.13 5.96 4.91
N ILE B 125 -0.61 5.52 3.78
CA ILE B 125 -0.98 4.20 3.34
C ILE B 125 -0.16 3.23 4.20
N ALA B 126 1.07 3.61 4.54
CA ALA B 126 1.91 2.73 5.35
C ALA B 126 1.38 2.68 6.76
N LEU B 127 0.98 3.83 7.25
CA LEU B 127 0.46 3.93 8.57
C LEU B 127 -0.82 3.17 8.77
N ALA B 128 -1.71 3.20 7.81
CA ALA B 128 -2.98 2.53 7.98
C ALA B 128 -2.70 1.08 8.16
N VAL B 129 -1.83 0.58 7.33
CA VAL B 129 -1.50 -0.80 7.40
C VAL B 129 -0.88 -1.12 8.70
N GLN B 130 0.01 -0.26 9.16
CA GLN B 130 0.68 -0.53 10.40
C GLN B 130 -0.32 -0.62 11.45
N LYS B 131 -1.26 0.30 11.51
CA LYS B 131 -2.26 0.21 12.56
C LYS B 131 -3.18 -0.99 12.56
N THR B 132 -3.75 -1.36 11.42
CA THR B 132 -4.61 -2.54 11.41
C THR B 132 -3.71 -3.68 11.77
N THR B 133 -2.55 -3.62 11.16
CA THR B 133 -1.51 -4.60 11.30
C THR B 133 -0.77 -4.38 12.55
N SER B 134 -0.92 -3.21 13.16
CA SER B 134 -0.17 -3.08 14.35
C SER B 134 -0.88 -4.26 14.90
N SER B 135 -0.16 -5.17 15.52
CA SER B 135 -0.78 -6.33 16.10
C SER B 135 -1.48 -5.57 17.17
N THR B 136 -2.63 -6.05 17.65
CA THR B 136 -3.30 -5.25 18.65
C THR B 136 -4.50 -5.80 19.42
N PHE B 137 -4.92 -4.99 20.39
CA PHE B 137 -6.17 -5.14 21.10
C PHE B 137 -6.54 -6.44 21.82
N ALA B 138 -7.67 -6.99 21.43
CA ALA B 138 -8.26 -8.16 22.00
C ALA B 138 -7.36 -9.35 21.79
N ASP B 139 -6.26 -9.15 21.09
CA ASP B 139 -5.37 -10.25 20.85
C ASP B 139 -6.16 -11.24 20.05
N VAL B 140 -6.87 -10.69 19.09
CA VAL B 140 -7.71 -11.44 18.18
C VAL B 140 -6.75 -12.37 17.52
N PRO B 141 -7.14 -13.59 17.29
CA PRO B 141 -6.17 -14.51 16.67
C PRO B 141 -5.57 -13.78 15.51
N PRO B 142 -4.26 -13.85 15.40
CA PRO B 142 -3.56 -13.14 14.36
C PRO B 142 -3.95 -13.72 13.04
N GLU B 143 -4.43 -14.93 13.06
CA GLU B 143 -4.88 -15.58 11.85
C GLU B 143 -5.92 -14.65 11.26
N ARG B 144 -6.70 -14.04 12.13
CA ARG B 144 -7.70 -13.08 11.73
C ARG B 144 -7.24 -11.72 11.19
N ILE B 145 -6.20 -11.09 11.74
CA ILE B 145 -5.81 -9.76 11.27
C ILE B 145 -5.49 -9.85 9.82
N LEU B 146 -4.72 -10.85 9.48
CA LEU B 146 -4.41 -11.15 8.09
C LEU B 146 -5.55 -10.84 7.15
N LYS B 147 -6.69 -11.50 7.35
CA LYS B 147 -7.85 -11.29 6.48
C LYS B 147 -8.25 -9.84 6.48
N THR B 148 -8.11 -9.22 7.65
CA THR B 148 -8.44 -7.82 7.77
C THR B 148 -7.57 -6.96 6.84
N VAL B 149 -6.26 -7.03 7.02
CA VAL B 149 -5.31 -6.31 6.15
C VAL B 149 -5.50 -6.72 4.69
N GLN B 150 -5.59 -8.01 4.45
CA GLN B 150 -5.89 -8.53 3.12
C GLN B 150 -7.00 -7.78 2.42
N GLU B 151 -8.18 -7.81 3.04
CA GLU B 151 -9.34 -7.07 2.59
C GLU B 151 -9.14 -5.57 2.49
N MET B 152 -8.21 -5.04 3.26
CA MET B 152 -7.98 -3.60 3.27
C MET B 152 -7.04 -3.20 2.16
N VAL B 153 -6.19 -4.13 1.74
CA VAL B 153 -5.26 -3.84 0.66
C VAL B 153 -5.97 -4.21 -0.63
N LYS B 154 -6.74 -5.30 -0.57
CA LYS B 154 -7.69 -5.61 -1.63
C LYS B 154 -8.50 -4.37 -1.99
N ALA B 155 -8.76 -3.52 -1.01
CA ALA B 155 -9.53 -2.30 -1.23
C ALA B 155 -8.81 -1.32 -2.16
N VAL B 156 -7.55 -1.03 -1.82
CA VAL B 156 -6.74 -0.06 -2.54
C VAL B 156 -6.58 -0.42 -4.01
N GLU B 157 -6.80 -1.69 -4.32
CA GLU B 157 -6.73 -2.18 -5.70
C GLU B 157 -7.98 -1.78 -6.51
N GLY B 158 -9.14 -2.18 -6.04
CA GLY B 158 -10.39 -1.80 -6.67
C GLY B 158 -10.60 -0.30 -6.63
N LEU B 159 -9.80 0.42 -5.85
CA LEU B 159 -9.91 1.86 -5.76
C LEU B 159 -9.20 2.48 -6.94
N VAL B 160 -8.18 1.79 -7.42
CA VAL B 160 -7.42 2.23 -8.60
C VAL B 160 -8.26 2.07 -9.85
N ALA B 161 -8.90 0.91 -9.95
CA ALA B 161 -9.85 0.59 -11.00
C ALA B 161 -10.87 1.73 -11.18
N GLY B 162 -11.47 2.18 -10.09
CA GLY B 162 -12.33 3.35 -10.10
C GLY B 162 -11.57 4.60 -10.49
N ALA B 168 -18.98 0.97 -21.40
CA ALA B 168 -20.42 0.94 -21.51
C ALA B 168 -20.79 -0.06 -22.61
N GLY B 169 -21.68 0.34 -23.53
CA GLY B 169 -22.11 -0.53 -24.61
C GLY B 169 -22.66 -1.87 -24.15
N GLU B 170 -22.17 -2.94 -24.78
CA GLU B 170 -22.56 -4.31 -24.43
C GLU B 170 -24.08 -4.52 -24.38
N GLY B 171 -24.73 -4.49 -25.53
CA GLY B 171 -26.16 -4.78 -25.60
C GLY B 171 -26.96 -3.88 -26.52
N MET B 172 -27.84 -4.48 -27.35
CA MET B 172 -28.59 -3.71 -28.36
C MET B 172 -29.71 -4.47 -29.06
N ARG B 173 -30.86 -3.82 -29.22
CA ARG B 173 -32.07 -4.48 -29.68
C ARG B 173 -32.97 -3.57 -30.49
N PHE B 174 -33.75 -4.11 -31.40
CA PHE B 174 -34.70 -3.30 -32.12
C PHE B 174 -35.99 -4.08 -32.14
N ASP B 175 -37.01 -3.58 -31.46
CA ASP B 175 -38.27 -4.28 -31.43
C ASP B 175 -38.98 -4.32 -32.75
N SER B 176 -39.02 -3.20 -33.44
CA SER B 176 -39.71 -3.10 -34.72
C SER B 176 -41.20 -2.93 -34.47
N ASP B 177 -41.60 -3.05 -33.22
CA ASP B 177 -42.96 -2.87 -32.77
C ASP B 177 -42.85 -2.10 -31.47
N THR B 178 -42.56 -0.82 -31.55
CA THR B 178 -42.42 -0.07 -32.79
C THR B 178 -41.27 0.93 -32.68
N GLY B 179 -40.38 0.92 -33.66
CA GLY B 179 -39.17 1.78 -33.67
C GLY B 179 -38.43 1.71 -32.35
N LEU B 180 -38.72 0.66 -31.58
CA LEU B 180 -38.36 0.58 -30.19
C LEU B 180 -36.87 0.89 -30.01
N GLU B 181 -36.01 0.00 -30.49
CA GLU B 181 -34.58 0.25 -30.43
C GLU B 181 -34.12 0.45 -28.99
N HIS B 182 -34.23 -0.60 -28.19
CA HIS B 182 -33.80 -0.60 -26.80
C HIS B 182 -32.29 -0.88 -26.73
N LEU B 183 -31.51 0.07 -26.21
CA LEU B 183 -30.06 -0.07 -26.13
C LEU B 183 -29.62 -0.12 -24.68
N GLU B 184 -28.79 -1.09 -24.34
CA GLU B 184 -28.42 -1.28 -22.95
C GLU B 184 -26.94 -1.06 -22.75
N PHE B 185 -26.60 -0.43 -21.63
CA PHE B 185 -25.20 -0.22 -21.25
C PHE B 185 -24.84 -0.85 -19.91
N ILE B 186 -23.58 -0.78 -19.54
CA ILE B 186 -23.17 -1.32 -18.25
C ILE B 186 -22.16 -0.38 -17.61
N HIS B 187 -22.15 -0.31 -16.30
CA HIS B 187 -21.20 0.56 -15.64
C HIS B 187 -20.54 0.04 -14.35
N THR B 191 -15.68 1.16 -7.41
CA THR B 191 -15.55 2.30 -6.53
C THR B 191 -16.25 1.98 -5.24
N ALA B 192 -16.22 2.90 -4.30
CA ALA B 192 -16.88 2.68 -3.02
C ALA B 192 -16.33 1.41 -2.45
N ALA B 193 -15.04 1.21 -2.64
CA ALA B 193 -14.43 0.01 -2.16
C ALA B 193 -14.05 0.19 -0.73
N LEU B 194 -13.64 1.40 -0.40
CA LEU B 194 -13.28 1.66 0.98
C LEU B 194 -14.48 1.39 1.89
N LEU B 195 -15.66 1.77 1.43
CA LEU B 195 -16.88 1.43 2.15
C LEU B 195 -17.05 -0.08 2.40
N GLU B 196 -16.95 -0.87 1.34
CA GLU B 196 -17.06 -2.32 1.49
C GLU B 196 -16.03 -2.83 2.45
N ALA B 197 -14.82 -2.28 2.35
CA ALA B 197 -13.69 -2.70 3.16
C ALA B 197 -14.02 -2.51 4.61
N ALA B 198 -14.20 -1.24 4.96
CA ALA B 198 -14.71 -0.83 6.26
C ALA B 198 -15.71 -1.85 6.82
N ALA B 199 -16.82 -2.04 6.12
CA ALA B 199 -17.79 -3.05 6.49
C ALA B 199 -17.14 -4.40 6.77
N VAL B 200 -16.34 -4.89 5.84
CA VAL B 200 -15.84 -6.24 5.94
C VAL B 200 -14.81 -6.39 7.07
N MET B 201 -13.83 -5.51 7.09
CA MET B 201 -12.81 -5.52 8.14
C MET B 201 -13.48 -5.60 9.51
N GLY B 202 -14.35 -4.63 9.80
CA GLY B 202 -15.15 -4.59 11.01
C GLY B 202 -15.83 -5.92 11.30
N ALA B 203 -16.49 -6.51 10.31
CA ALA B 203 -17.18 -7.77 10.55
C ALA B 203 -16.18 -8.83 10.89
N ILE B 204 -15.03 -8.78 10.22
CA ILE B 204 -13.93 -9.71 10.49
C ILE B 204 -13.52 -9.57 11.94
N MET B 205 -13.02 -8.38 12.29
CA MET B 205 -12.50 -8.13 13.62
C MET B 205 -13.47 -8.51 14.75
N GLY B 206 -14.76 -8.26 14.55
CA GLY B 206 -15.74 -8.49 15.59
C GLY B 206 -16.07 -9.96 15.68
N GLY B 207 -15.39 -10.76 14.86
CA GLY B 207 -15.51 -12.20 14.91
C GLY B 207 -16.54 -12.79 13.97
N GLY B 208 -16.63 -12.27 12.75
CA GLY B 208 -17.69 -12.67 11.84
C GLY B 208 -17.57 -13.98 11.06
N SER B 209 -18.68 -14.71 11.03
CA SER B 209 -18.85 -15.83 10.12
C SER B 209 -18.60 -15.44 8.66
N ASP B 210 -18.10 -16.37 7.84
CA ASP B 210 -17.81 -16.06 6.44
C ASP B 210 -19.05 -15.49 5.76
N GLU B 211 -20.20 -16.06 6.11
CA GLU B 211 -21.41 -15.64 5.45
C GLU B 211 -21.92 -14.29 5.97
N GLU B 212 -21.72 -13.98 7.26
CA GLU B 212 -22.07 -12.63 7.72
C GLU B 212 -21.16 -11.58 7.07
N ILE B 213 -19.90 -11.95 6.84
CA ILE B 213 -18.95 -11.03 6.24
C ILE B 213 -19.42 -10.67 4.84
N GLU B 214 -19.98 -11.64 4.13
CA GLU B 214 -20.45 -11.37 2.78
C GLU B 214 -21.80 -10.65 2.70
N ARG B 215 -22.71 -10.93 3.63
CA ARG B 215 -23.96 -10.18 3.78
C ARG B 215 -23.64 -8.71 3.91
N LEU B 216 -22.71 -8.44 4.81
CA LEU B 216 -22.25 -7.10 5.10
C LEU B 216 -21.51 -6.45 3.92
N ARG B 217 -20.87 -7.24 3.07
CA ARG B 217 -20.20 -6.62 1.93
C ARG B 217 -21.24 -6.24 0.87
N SER B 218 -22.28 -7.07 0.73
CA SER B 218 -23.39 -6.76 -0.15
C SER B 218 -24.04 -5.44 0.25
N TYR B 219 -24.44 -5.37 1.51
CA TYR B 219 -24.98 -4.16 2.12
C TYR B 219 -24.12 -2.94 1.77
N ALA B 220 -22.83 -3.05 2.03
CA ALA B 220 -21.90 -1.93 1.86
C ALA B 220 -21.89 -1.41 0.45
N ARG B 221 -22.12 -2.32 -0.50
CA ARG B 221 -22.12 -1.99 -1.92
C ARG B 221 -23.34 -1.15 -2.23
N CYS B 222 -24.50 -1.66 -1.80
CA CYS B 222 -25.74 -0.98 -2.03
C CYS B 222 -25.70 0.45 -1.48
N ILE B 223 -25.33 0.62 -0.20
CA ILE B 223 -25.32 1.98 0.36
C ILE B 223 -24.18 2.81 -0.22
N GLY B 224 -23.12 2.13 -0.67
CA GLY B 224 -22.06 2.81 -1.38
C GLY B 224 -22.62 3.49 -2.61
N LEU B 225 -23.32 2.69 -3.41
CA LEU B 225 -23.88 3.17 -4.65
C LEU B 225 -24.97 4.22 -4.43
N MET B 226 -25.85 3.99 -3.46
CA MET B 226 -26.95 4.93 -3.26
C MET B 226 -26.47 6.21 -2.59
N PHE B 227 -25.23 6.26 -2.10
CA PHE B 227 -24.68 7.53 -1.69
C PHE B 227 -24.57 8.45 -2.89
N GLN B 228 -23.83 8.03 -3.92
CA GLN B 228 -23.59 8.91 -5.07
C GLN B 228 -24.81 9.13 -5.98
N VAL B 229 -25.71 8.16 -6.07
CA VAL B 229 -26.98 8.37 -6.76
C VAL B 229 -27.69 9.58 -6.12
N VAL B 230 -27.75 9.57 -4.78
CA VAL B 230 -28.37 10.64 -4.01
C VAL B 230 -27.62 11.98 -4.09
N ASP B 231 -26.29 11.95 -4.00
CA ASP B 231 -25.51 13.19 -4.05
C ASP B 231 -25.64 13.87 -5.42
N ASP B 232 -25.67 13.06 -6.49
CA ASP B 232 -25.80 13.61 -7.84
C ASP B 232 -27.14 14.30 -7.97
N VAL B 233 -28.16 13.71 -7.35
CA VAL B 233 -29.50 14.30 -7.31
C VAL B 233 -29.42 15.70 -6.72
N LEU B 234 -28.52 15.86 -5.76
CA LEU B 234 -28.23 17.16 -5.19
C LEU B 234 -27.31 17.91 -6.18
N ASP B 235 -27.99 18.67 -7.03
CA ASP B 235 -27.41 19.47 -8.11
C ASP B 235 -28.56 20.06 -8.91
N LYS B 255 -18.50 15.12 -16.30
CA LYS B 255 -19.04 14.64 -17.58
C LYS B 255 -20.34 13.87 -17.39
N LEU B 256 -20.22 12.62 -16.92
CA LEU B 256 -21.41 11.80 -16.61
C LEU B 256 -21.83 11.99 -15.16
N THR B 257 -23.12 12.32 -14.99
CA THR B 257 -23.77 12.57 -13.70
C THR B 257 -24.82 11.45 -13.40
N TYR B 258 -25.81 11.67 -12.57
CA TYR B 258 -26.76 10.58 -12.42
C TYR B 258 -28.15 11.04 -12.73
N PRO B 259 -28.15 12.30 -13.07
CA PRO B 259 -29.23 13.14 -13.52
C PRO B 259 -29.12 13.11 -15.02
N ARG B 260 -30.21 13.46 -15.66
CA ARG B 260 -30.23 13.46 -17.09
C ARG B 260 -30.21 12.01 -17.46
N LEU B 261 -29.18 11.25 -17.13
CA LEU B 261 -29.46 9.90 -17.56
C LEU B 261 -30.66 9.56 -16.73
N MET B 262 -31.59 8.81 -17.28
CA MET B 262 -32.78 8.45 -16.56
C MET B 262 -33.43 9.75 -16.13
N GLY B 263 -33.85 9.86 -14.89
CA GLY B 263 -34.48 11.08 -14.44
C GLY B 263 -34.37 11.19 -12.95
N VAL B 264 -34.60 12.40 -12.45
CA VAL B 264 -34.54 12.58 -11.02
C VAL B 264 -35.64 11.71 -10.44
N GLU B 265 -36.78 11.71 -11.08
CA GLU B 265 -37.88 10.90 -10.59
C GLU B 265 -37.43 9.47 -10.64
N LYS B 266 -36.68 9.16 -11.68
CA LYS B 266 -36.13 7.81 -11.85
C LYS B 266 -34.96 7.55 -10.91
N SER B 267 -33.98 8.44 -10.94
CA SER B 267 -32.81 8.32 -10.07
C SER B 267 -33.22 8.09 -8.62
N LYS B 268 -34.18 8.88 -8.14
CA LYS B 268 -34.70 8.71 -6.78
C LYS B 268 -35.23 7.33 -6.50
N GLU B 269 -36.11 6.81 -7.37
CA GLU B 269 -36.69 5.50 -7.11
C GLU B 269 -35.61 4.46 -7.11
N TYR B 270 -34.64 4.63 -8.01
CA TYR B 270 -33.51 3.74 -8.08
C TYR B 270 -32.91 3.60 -6.69
N ALA B 271 -32.53 4.75 -6.12
CA ALA B 271 -31.96 4.87 -4.78
C ALA B 271 -32.79 4.16 -3.68
N GLU B 272 -34.11 4.30 -3.76
CA GLU B 272 -34.97 3.64 -2.79
C GLU B 272 -34.98 2.13 -3.00
N ARG B 273 -34.94 1.69 -4.25
CA ARG B 273 -34.84 0.26 -4.53
C ARG B 273 -33.58 -0.31 -3.87
N LEU B 274 -32.49 0.46 -3.96
CA LEU B 274 -31.23 0.04 -3.40
C LEU B 274 -31.39 -0.08 -1.89
N ASN B 275 -32.03 0.92 -1.28
CA ASN B 275 -32.22 0.94 0.16
C ASN B 275 -32.95 -0.33 0.61
N ILE B 276 -33.83 -0.83 -0.25
CA ILE B 276 -34.60 -2.02 0.07
C ILE B 276 -33.73 -3.25 0.08
N GLU B 277 -32.85 -3.34 -0.92
CA GLU B 277 -31.87 -4.42 -1.01
C GLU B 277 -30.92 -4.42 0.19
N ALA B 278 -30.43 -3.24 0.55
CA ALA B 278 -29.54 -3.11 1.70
C ALA B 278 -30.19 -3.72 2.94
N ARG B 279 -31.51 -3.54 3.07
CA ARG B 279 -32.24 -4.11 4.18
C ARG B 279 -32.20 -5.63 4.12
N GLU B 280 -32.26 -6.15 2.91
CA GLU B 280 -32.32 -7.60 2.68
C GLU B 280 -31.04 -8.29 3.16
N HIS B 281 -29.91 -7.65 2.91
CA HIS B 281 -28.62 -8.14 3.36
C HIS B 281 -28.43 -8.09 4.86
N LEU B 282 -29.26 -7.30 5.54
CA LEU B 282 -29.25 -7.24 7.00
C LEU B 282 -30.06 -8.40 7.61
N LEU B 283 -30.84 -9.10 6.79
CA LEU B 283 -31.55 -10.28 7.26
C LEU B 283 -30.59 -11.41 7.61
N GLY B 284 -30.61 -11.84 8.86
CA GLY B 284 -29.82 -12.97 9.31
C GLY B 284 -29.35 -12.63 10.70
N PHE B 285 -28.94 -11.38 10.85
CA PHE B 285 -28.45 -10.85 12.10
C PHE B 285 -29.52 -10.76 13.16
N ASP B 286 -29.11 -10.63 14.42
CA ASP B 286 -30.09 -10.50 15.47
C ASP B 286 -30.82 -9.19 15.23
N ILE B 287 -32.09 -9.20 15.59
CA ILE B 287 -32.97 -8.11 15.27
C ILE B 287 -32.61 -6.91 16.16
N ASP B 288 -32.03 -7.20 17.32
CA ASP B 288 -31.75 -6.16 18.28
C ASP B 288 -30.55 -5.29 17.95
N LYS B 289 -29.74 -5.68 16.96
CA LYS B 289 -28.52 -4.89 16.69
C LYS B 289 -28.42 -4.27 15.30
N VAL B 290 -29.40 -4.52 14.42
CA VAL B 290 -29.29 -3.97 13.08
C VAL B 290 -29.82 -2.55 12.95
N ALA B 291 -30.36 -2.03 14.05
CA ALA B 291 -30.91 -0.67 14.04
C ALA B 291 -29.96 0.40 13.45
N PRO B 292 -28.67 0.45 13.88
CA PRO B 292 -27.81 1.53 13.37
C PRO B 292 -27.57 1.48 11.87
N LEU B 293 -27.45 0.29 11.28
CA LEU B 293 -27.23 0.17 9.83
C LEU B 293 -28.49 0.38 9.02
N VAL B 294 -29.62 -0.10 9.52
CA VAL B 294 -30.93 0.28 9.00
C VAL B 294 -31.08 1.80 8.94
N SER B 295 -30.61 2.46 9.99
CA SER B 295 -30.77 3.90 10.13
C SER B 295 -29.86 4.65 9.19
N LEU B 296 -28.64 4.14 9.04
CA LEU B 296 -27.62 4.74 8.18
C LEU B 296 -28.12 4.79 6.75
N ALA B 297 -28.58 3.63 6.31
CA ALA B 297 -29.22 3.44 5.03
C ALA B 297 -30.22 4.52 4.76
N ASP B 298 -31.10 4.72 5.74
CA ASP B 298 -32.23 5.63 5.59
C ASP B 298 -31.76 7.08 5.62
N TYR B 299 -30.77 7.37 6.46
CA TYR B 299 -30.13 8.69 6.46
C TYR B 299 -29.64 9.08 5.08
N ILE B 300 -29.16 8.11 4.30
CA ILE B 300 -28.67 8.39 2.96
C ILE B 300 -29.75 8.89 2.03
N VAL B 301 -30.81 8.10 1.91
CA VAL B 301 -31.79 8.41 0.89
C VAL B 301 -32.73 9.51 1.38
N ASN B 302 -32.93 9.59 2.69
CA ASN B 302 -33.88 10.56 3.25
C ASN B 302 -33.35 11.99 3.24
N ARG B 303 -32.95 12.47 2.06
CA ARG B 303 -32.57 13.87 1.88
C ARG B 303 -33.09 14.40 0.54
#